data_2Z7G
#
_entry.id   2Z7G
#
_cell.length_a   77.100
_cell.length_b   77.100
_cell.length_c   135.660
_cell.angle_alpha   90.00
_cell.angle_beta   90.00
_cell.angle_gamma   90.00
#
_symmetry.space_group_name_H-M   'P 43 21 2'
#
loop_
_entity.id
_entity.type
_entity.pdbx_description
1 polymer 'Adenosine deaminase'
2 non-polymer 'ZINC ION'
3 non-polymer (2S,3R)-3-(6-amino-9H-purin-9-yl)nonan-2-ol
4 water water
#
_entity_poly.entity_id   1
_entity_poly.type   'polypeptide(L)'
_entity_poly.pdbx_seq_one_letter_code
;AQTPAFDKPKVELHVHLDGAIKPETILYYGKRRGIALPADTPEELQNIIGMDKPLTLPDFLAKFDYYMPAIAGCRDAIKR
IAYEFVEMKAKDGVVYVEVRYSPHLLANSKVEPIPWNQAEGDLTPDEVVSLVNQGLQEGERDFGVKVRSILCCMRHQPSW
SSEVVELCKKYREQTVVAIDLAGDETIEGSSLFPGHVQAYAEAVKSGVHRTVHAGEVGSANVVKEAVDTLKTERLGHGYH
TLEDTTLYNRLRQENMHFEICPWSSYLTGAWKPDTEHAVIRFKNDQVNYSLNTDDPLIFKSTLDTDYQMTKKDMGFTEEE
FKRLNINAAKSSFLPEDEKKELLDLLYKAYRMPSPA
;
_entity_poly.pdbx_strand_id   A
#
# COMPACT_ATOMS: atom_id res chain seq x y z
N THR A 3 12.83 20.81 -8.57
CA THR A 3 13.20 19.77 -9.59
C THR A 3 13.20 18.36 -9.02
N PRO A 4 12.50 17.43 -9.71
CA PRO A 4 12.39 16.03 -9.31
C PRO A 4 13.74 15.46 -8.89
N ALA A 5 13.75 14.76 -7.77
CA ALA A 5 14.97 14.15 -7.24
C ALA A 5 15.49 13.03 -8.13
N PHE A 6 14.57 12.29 -8.75
CA PHE A 6 14.88 11.19 -9.64
C PHE A 6 13.87 11.32 -10.78
N ASP A 7 14.25 12.06 -11.82
CA ASP A 7 13.37 12.26 -12.97
C ASP A 7 13.38 11.16 -14.02
N LYS A 8 13.15 9.92 -13.61
CA LYS A 8 13.13 8.80 -14.55
C LYS A 8 11.94 7.89 -14.21
N PRO A 9 11.68 6.87 -15.03
CA PRO A 9 10.55 6.00 -14.73
C PRO A 9 10.68 5.35 -13.35
N LYS A 10 9.56 5.18 -12.66
CA LYS A 10 9.58 4.57 -11.34
C LYS A 10 8.60 3.42 -11.18
N VAL A 11 8.86 2.56 -10.18
CA VAL A 11 8.03 1.40 -9.86
C VAL A 11 7.59 1.53 -8.39
N GLU A 12 6.29 1.45 -8.13
CA GLU A 12 5.78 1.56 -6.77
C GLU A 12 4.94 0.36 -6.38
N LEU A 13 5.35 -0.32 -5.30
CA LEU A 13 4.65 -1.49 -4.81
C LEU A 13 3.88 -1.31 -3.50
N HIS A 14 4.10 -0.24 -2.75
CA HIS A 14 3.37 -0.06 -1.50
C HIS A 14 2.58 1.25 -1.35
N VAL A 15 1.33 1.24 -1.81
CA VAL A 15 0.50 2.42 -1.72
C VAL A 15 -0.99 2.03 -1.60
N HIS A 16 -1.65 2.62 -0.59
CA HIS A 16 -3.08 2.39 -0.32
C HIS A 16 -4.03 3.25 -1.16
N LEU A 17 -5.01 2.62 -1.80
CA LEU A 17 -5.97 3.34 -2.61
C LEU A 17 -6.75 4.33 -1.74
N ASP A 18 -7.25 3.87 -0.60
CA ASP A 18 -8.02 4.68 0.34
C ASP A 18 -7.18 5.72 1.09
N GLY A 19 -5.90 5.80 0.75
CA GLY A 19 -5.01 6.78 1.36
C GLY A 19 -4.39 7.59 0.26
N ALA A 20 -5.02 7.52 -0.91
CA ALA A 20 -4.55 8.23 -2.10
C ALA A 20 -5.75 8.73 -2.90
N ILE A 21 -6.53 9.61 -2.28
CA ILE A 21 -7.72 10.20 -2.91
C ILE A 21 -7.57 11.73 -2.97
N LYS A 22 -8.14 12.34 -4.00
CA LYS A 22 -8.07 13.79 -4.15
C LYS A 22 -9.02 14.47 -3.18
N PRO A 23 -8.54 15.46 -2.43
CA PRO A 23 -9.45 16.13 -1.50
C PRO A 23 -10.71 16.55 -2.26
N GLU A 24 -10.52 17.16 -3.44
CA GLU A 24 -11.64 17.61 -4.26
C GLU A 24 -12.68 16.51 -4.43
N THR A 25 -12.22 15.32 -4.80
CA THR A 25 -13.10 14.19 -4.99
C THR A 25 -13.85 13.82 -3.71
N ILE A 26 -13.16 13.93 -2.57
CA ILE A 26 -13.77 13.61 -1.29
C ILE A 26 -14.87 14.64 -1.00
N LEU A 27 -14.52 15.91 -1.22
CA LEU A 27 -15.42 17.03 -1.00
C LEU A 27 -16.62 16.94 -1.96
N TYR A 28 -16.33 16.56 -3.20
CA TYR A 28 -17.36 16.43 -4.21
C TYR A 28 -18.45 15.45 -3.80
N TYR A 29 -18.04 14.26 -3.39
CA TYR A 29 -19.02 13.25 -2.98
C TYR A 29 -19.57 13.57 -1.60
N GLY A 30 -18.80 14.32 -0.82
CA GLY A 30 -19.26 14.69 0.50
C GLY A 30 -20.48 15.59 0.38
N LYS A 31 -20.39 16.58 -0.51
CA LYS A 31 -21.50 17.50 -0.72
C LYS A 31 -22.63 16.90 -1.54
N ARG A 32 -22.30 16.16 -2.60
CA ARG A 32 -23.31 15.54 -3.48
C ARG A 32 -24.15 14.43 -2.84
N ARG A 33 -23.73 13.90 -1.71
CA ARG A 33 -24.53 12.85 -1.12
C ARG A 33 -24.72 13.08 0.37
N GLY A 34 -24.83 14.37 0.72
CA GLY A 34 -25.03 14.80 2.10
C GLY A 34 -24.31 14.05 3.20
N ILE A 35 -22.98 14.16 3.22
CA ILE A 35 -22.19 13.50 4.26
C ILE A 35 -21.36 14.54 5.00
N ALA A 36 -21.59 14.66 6.30
CA ALA A 36 -20.87 15.61 7.14
C ALA A 36 -19.36 15.56 6.86
N LEU A 37 -18.74 16.73 6.71
CA LEU A 37 -17.31 16.81 6.45
C LEU A 37 -16.65 17.96 7.19
N PRO A 38 -15.55 17.67 7.91
CA PRO A 38 -14.78 18.63 8.70
C PRO A 38 -14.77 20.03 8.08
N ALA A 39 -14.18 20.13 6.90
CA ALA A 39 -14.11 21.40 6.19
C ALA A 39 -14.94 21.34 4.91
N ASP A 40 -14.85 22.38 4.09
CA ASP A 40 -15.59 22.44 2.83
C ASP A 40 -14.76 23.07 1.73
N THR A 41 -13.47 23.21 2.00
CA THR A 41 -12.51 23.78 1.07
C THR A 41 -11.38 22.77 0.91
N PRO A 42 -11.13 22.33 -0.33
CA PRO A 42 -10.06 21.36 -0.60
C PRO A 42 -8.78 21.63 0.17
N GLU A 43 -8.29 22.86 0.12
CA GLU A 43 -7.05 23.22 0.82
C GLU A 43 -7.09 22.98 2.33
N GLU A 44 -8.17 23.42 2.98
CA GLU A 44 -8.31 23.23 4.42
C GLU A 44 -8.52 21.75 4.75
N LEU A 45 -9.22 21.07 3.85
CA LEU A 45 -9.49 19.65 4.03
C LEU A 45 -8.20 18.84 4.13
N GLN A 46 -7.26 19.12 3.25
CA GLN A 46 -5.98 18.40 3.26
C GLN A 46 -5.18 18.72 4.50
N ASN A 47 -5.39 19.92 5.05
CA ASN A 47 -4.67 20.32 6.25
C ASN A 47 -5.12 19.49 7.44
N ILE A 48 -6.42 19.25 7.55
CA ILE A 48 -6.95 18.47 8.65
C ILE A 48 -6.66 16.97 8.47
N ILE A 49 -6.80 16.49 7.24
CA ILE A 49 -6.53 15.09 6.96
C ILE A 49 -5.04 14.79 6.94
N GLY A 50 -4.26 15.76 6.45
CA GLY A 50 -2.84 15.57 6.40
C GLY A 50 -2.22 15.66 7.79
N MET A 51 -0.99 15.20 7.91
CA MET A 51 -0.33 15.26 9.20
C MET A 51 1.15 15.61 9.01
N ASP A 52 1.75 16.20 10.03
CA ASP A 52 3.14 16.58 9.96
C ASP A 52 3.84 16.27 11.28
N LYS A 53 3.15 15.54 12.12
CA LYS A 53 3.66 15.14 13.42
C LYS A 53 3.11 13.79 13.80
N PRO A 54 3.94 12.90 14.36
CA PRO A 54 3.44 11.59 14.74
C PRO A 54 2.11 11.67 15.49
N LEU A 55 1.27 10.65 15.32
CA LEU A 55 -0.04 10.60 15.96
C LEU A 55 -0.27 9.25 16.61
N THR A 56 -1.16 9.21 17.60
CA THR A 56 -1.45 7.96 18.27
C THR A 56 -2.23 7.14 17.24
N LEU A 57 -2.31 5.83 17.43
CA LEU A 57 -3.04 5.00 16.48
C LEU A 57 -4.45 5.56 16.30
N PRO A 58 -5.15 5.83 17.42
CA PRO A 58 -6.51 6.37 17.43
C PRO A 58 -6.62 7.67 16.64
N ASP A 59 -5.75 8.65 16.92
CA ASP A 59 -5.76 9.92 16.21
C ASP A 59 -5.63 9.64 14.72
N PHE A 60 -4.72 8.71 14.38
CA PHE A 60 -4.45 8.32 13.00
C PHE A 60 -5.63 7.63 12.32
N LEU A 61 -6.21 6.66 13.02
CA LEU A 61 -7.34 5.91 12.51
C LEU A 61 -8.48 6.89 12.22
N ALA A 62 -8.76 7.76 13.17
CA ALA A 62 -9.81 8.76 13.05
C ALA A 62 -9.79 9.47 11.71
N LYS A 63 -8.59 9.63 11.15
CA LYS A 63 -8.44 10.31 9.86
C LYS A 63 -9.36 9.67 8.82
N PHE A 64 -9.48 8.34 8.86
CA PHE A 64 -10.33 7.64 7.91
C PHE A 64 -11.82 7.82 8.14
N ASP A 65 -12.26 7.86 9.39
CA ASP A 65 -13.68 8.04 9.67
C ASP A 65 -14.13 9.35 9.04
N TYR A 66 -13.18 10.28 8.94
CA TYR A 66 -13.42 11.60 8.36
C TYR A 66 -13.93 11.52 6.93
N TYR A 67 -13.06 11.10 6.02
CA TYR A 67 -13.35 10.99 4.60
C TYR A 67 -13.90 9.71 3.98
N MET A 68 -13.71 8.57 4.63
CA MET A 68 -14.21 7.31 4.09
C MET A 68 -15.71 7.20 3.87
N PRO A 69 -16.53 7.70 4.81
CA PRO A 69 -17.98 7.61 4.63
C PRO A 69 -18.43 8.30 3.34
N ALA A 70 -17.58 9.19 2.83
CA ALA A 70 -17.89 9.92 1.61
C ALA A 70 -17.71 9.09 0.36
N ILE A 71 -16.73 8.18 0.36
CA ILE A 71 -16.46 7.32 -0.80
C ILE A 71 -17.08 5.93 -0.62
N ALA A 72 -16.98 5.39 0.58
CA ALA A 72 -17.53 4.06 0.86
C ALA A 72 -19.02 3.98 0.53
N GLY A 73 -19.43 2.87 -0.06
CA GLY A 73 -20.82 2.68 -0.40
C GLY A 73 -21.29 3.30 -1.70
N CYS A 74 -20.53 4.25 -2.24
CA CYS A 74 -20.92 4.89 -3.50
C CYS A 74 -20.18 4.34 -4.71
N ARG A 75 -20.89 3.58 -5.54
CA ARG A 75 -20.28 3.00 -6.73
C ARG A 75 -19.50 4.02 -7.54
N ASP A 76 -20.15 5.14 -7.86
CA ASP A 76 -19.54 6.22 -8.63
C ASP A 76 -18.17 6.60 -8.07
N ALA A 77 -18.13 6.84 -6.76
CA ALA A 77 -16.89 7.22 -6.07
C ALA A 77 -15.80 6.15 -6.03
N ILE A 78 -16.19 4.88 -5.87
CA ILE A 78 -15.22 3.81 -5.82
C ILE A 78 -14.44 3.78 -7.14
N LYS A 79 -15.19 3.66 -8.23
CA LYS A 79 -14.62 3.62 -9.57
C LYS A 79 -13.79 4.86 -9.88
N ARG A 80 -14.28 6.03 -9.48
CA ARG A 80 -13.58 7.29 -9.73
C ARG A 80 -12.23 7.44 -9.04
N ILE A 81 -12.16 7.18 -7.75
CA ILE A 81 -10.88 7.32 -7.05
C ILE A 81 -9.85 6.34 -7.62
N ALA A 82 -10.33 5.21 -8.13
CA ALA A 82 -9.46 4.19 -8.70
C ALA A 82 -8.86 4.79 -9.96
N TYR A 83 -9.75 5.33 -10.80
CA TYR A 83 -9.35 5.95 -12.06
C TYR A 83 -8.42 7.14 -11.81
N GLU A 84 -8.78 7.99 -10.86
CA GLU A 84 -7.98 9.17 -10.52
C GLU A 84 -6.64 8.83 -9.87
N PHE A 85 -6.54 7.62 -9.32
CA PHE A 85 -5.27 7.23 -8.68
C PHE A 85 -4.21 6.92 -9.74
N VAL A 86 -4.64 6.41 -10.89
CA VAL A 86 -3.72 6.09 -11.96
C VAL A 86 -3.15 7.40 -12.52
N GLU A 87 -4.01 8.40 -12.63
CA GLU A 87 -3.58 9.70 -13.13
C GLU A 87 -2.55 10.32 -12.17
N MET A 88 -2.75 10.12 -10.85
CA MET A 88 -1.81 10.67 -9.88
C MET A 88 -0.44 10.02 -10.08
N LYS A 89 -0.45 8.70 -10.30
CA LYS A 89 0.78 7.95 -10.51
C LYS A 89 1.51 8.37 -11.77
N ALA A 90 0.75 8.66 -12.83
CA ALA A 90 1.35 9.07 -14.09
C ALA A 90 2.14 10.36 -13.88
N LYS A 91 1.61 11.27 -13.07
CA LYS A 91 2.28 12.52 -12.81
C LYS A 91 3.59 12.25 -12.05
N ASP A 92 3.66 11.08 -11.42
CA ASP A 92 4.85 10.69 -10.68
C ASP A 92 5.93 10.09 -11.58
N GLY A 93 5.56 9.72 -12.78
CA GLY A 93 6.53 9.10 -13.67
C GLY A 93 6.67 7.63 -13.30
N VAL A 94 5.61 7.07 -12.74
CA VAL A 94 5.57 5.67 -12.37
C VAL A 94 5.10 4.88 -13.58
N VAL A 95 5.83 3.82 -13.94
CA VAL A 95 5.43 3.01 -15.11
C VAL A 95 4.64 1.78 -14.72
N TYR A 96 4.81 1.34 -13.47
CA TYR A 96 4.12 0.17 -12.93
C TYR A 96 3.85 0.41 -11.45
N VAL A 97 2.65 0.09 -11.02
CA VAL A 97 2.27 0.28 -9.63
C VAL A 97 1.29 -0.77 -9.15
N GLU A 98 1.43 -1.17 -7.90
CA GLU A 98 0.56 -2.15 -7.29
C GLU A 98 -0.15 -1.39 -6.18
N VAL A 99 -1.43 -1.11 -6.41
CA VAL A 99 -2.21 -0.38 -5.44
C VAL A 99 -2.98 -1.36 -4.58
N ARG A 100 -3.06 -1.09 -3.29
CA ARG A 100 -3.78 -1.97 -2.35
C ARG A 100 -4.89 -1.26 -1.56
N TYR A 101 -5.81 -2.08 -1.04
CA TYR A 101 -6.93 -1.58 -0.27
C TYR A 101 -7.79 -2.74 0.24
N SER A 102 -8.62 -2.46 1.23
CA SER A 102 -9.50 -3.45 1.81
C SER A 102 -10.86 -3.27 1.17
N PRO A 103 -11.29 -4.23 0.34
CA PRO A 103 -12.59 -4.13 -0.33
C PRO A 103 -13.76 -4.00 0.66
N HIS A 104 -13.62 -4.60 1.84
CA HIS A 104 -14.68 -4.52 2.82
C HIS A 104 -14.83 -3.12 3.39
N LEU A 105 -13.73 -2.38 3.45
CA LEU A 105 -13.76 -1.03 3.97
C LEU A 105 -14.45 0.00 3.07
N LEU A 106 -14.84 -0.41 1.88
CA LEU A 106 -15.51 0.51 0.98
C LEU A 106 -16.92 -0.01 0.70
N ALA A 107 -17.28 -1.11 1.36
CA ALA A 107 -18.60 -1.68 1.17
C ALA A 107 -19.57 -1.31 2.30
N ASN A 108 -20.87 -1.48 2.04
CA ASN A 108 -21.89 -1.17 3.03
C ASN A 108 -22.95 -2.26 2.99
N SER A 109 -22.62 -3.37 2.33
CA SER A 109 -23.49 -4.53 2.17
C SER A 109 -22.60 -5.74 2.38
N LYS A 110 -23.12 -6.81 2.97
CA LYS A 110 -22.31 -8.01 3.21
C LYS A 110 -21.51 -7.58 4.44
N VAL A 111 -20.24 -7.23 4.25
CA VAL A 111 -19.38 -6.79 5.33
C VAL A 111 -20.02 -6.92 6.72
N GLU A 112 -19.54 -7.86 7.54
CA GLU A 112 -20.11 -8.03 8.86
C GLU A 112 -20.16 -6.70 9.60
N PRO A 113 -19.15 -6.42 10.45
CA PRO A 113 -19.26 -5.13 11.12
C PRO A 113 -19.20 -4.04 10.06
N ILE A 114 -20.36 -3.50 9.69
CA ILE A 114 -20.40 -2.44 8.67
C ILE A 114 -19.47 -1.33 9.10
N PRO A 115 -18.47 -1.02 8.27
CA PRO A 115 -17.49 0.03 8.56
C PRO A 115 -17.94 1.48 8.50
N TRP A 116 -17.23 2.32 9.23
CA TRP A 116 -17.50 3.75 9.28
C TRP A 116 -18.91 4.18 9.72
N ASN A 117 -19.57 3.38 10.56
CA ASN A 117 -20.91 3.72 11.03
C ASN A 117 -21.80 4.02 9.85
N GLN A 118 -21.49 3.37 8.74
CA GLN A 118 -22.20 3.50 7.48
C GLN A 118 -23.50 2.73 7.65
N ALA A 119 -24.59 3.20 7.04
CA ALA A 119 -25.87 2.52 7.16
C ALA A 119 -25.92 1.40 6.12
N GLU A 120 -26.56 0.29 6.47
CA GLU A 120 -26.69 -0.86 5.58
C GLU A 120 -27.01 -0.32 4.18
N GLY A 121 -26.26 -0.78 3.19
CA GLY A 121 -26.47 -0.33 1.82
C GLY A 121 -26.65 -1.47 0.84
N ASP A 122 -26.15 -1.27 -0.38
CA ASP A 122 -26.27 -2.30 -1.44
C ASP A 122 -24.93 -2.73 -2.04
N LEU A 123 -23.89 -1.95 -1.80
CA LEU A 123 -22.55 -2.23 -2.32
C LEU A 123 -21.87 -3.34 -1.51
N THR A 124 -21.65 -4.49 -2.12
CA THR A 124 -21.01 -5.59 -1.43
C THR A 124 -19.50 -5.51 -1.66
N PRO A 125 -18.72 -6.30 -0.92
CA PRO A 125 -17.26 -6.26 -1.10
C PRO A 125 -16.86 -6.76 -2.49
N ASP A 126 -17.58 -7.75 -3.00
CA ASP A 126 -17.25 -8.29 -4.30
C ASP A 126 -17.39 -7.24 -5.41
N GLU A 127 -18.43 -6.42 -5.33
CA GLU A 127 -18.63 -5.41 -6.35
C GLU A 127 -17.60 -4.30 -6.22
N VAL A 128 -17.20 -4.00 -4.98
CA VAL A 128 -16.21 -2.97 -4.75
C VAL A 128 -14.99 -3.28 -5.60
N VAL A 129 -14.56 -4.54 -5.53
CA VAL A 129 -13.41 -5.05 -6.27
C VAL A 129 -13.55 -4.90 -7.78
N SER A 130 -14.70 -5.30 -8.31
CA SER A 130 -14.93 -5.21 -9.74
C SER A 130 -14.97 -3.75 -10.16
N LEU A 131 -15.54 -2.88 -9.32
CA LEU A 131 -15.62 -1.46 -9.62
C LEU A 131 -14.20 -0.91 -9.72
N VAL A 132 -13.39 -1.22 -8.71
CA VAL A 132 -12.02 -0.76 -8.66
C VAL A 132 -11.24 -1.25 -9.88
N ASN A 133 -11.52 -2.48 -10.30
CA ASN A 133 -10.87 -3.08 -11.46
C ASN A 133 -11.07 -2.25 -12.71
N GLN A 134 -12.29 -1.74 -12.90
CA GLN A 134 -12.62 -0.93 -14.06
C GLN A 134 -11.90 0.43 -13.99
N GLY A 135 -11.98 1.08 -12.83
CA GLY A 135 -11.32 2.36 -12.69
C GLY A 135 -9.85 2.19 -13.04
N LEU A 136 -9.17 1.28 -12.34
CA LEU A 136 -7.77 1.02 -12.56
C LEU A 136 -7.49 0.68 -14.02
N GLN A 137 -8.36 -0.12 -14.63
CA GLN A 137 -8.15 -0.49 -16.02
C GLN A 137 -8.34 0.70 -16.99
N GLU A 138 -9.42 1.46 -16.84
CA GLU A 138 -9.62 2.59 -17.74
C GLU A 138 -8.45 3.57 -17.51
N GLY A 139 -7.98 3.64 -16.27
CA GLY A 139 -6.88 4.53 -15.94
C GLY A 139 -5.62 4.15 -16.67
N GLU A 140 -5.30 2.85 -16.65
CA GLU A 140 -4.11 2.36 -17.35
C GLU A 140 -4.17 2.77 -18.82
N ARG A 141 -5.32 2.49 -19.45
CA ARG A 141 -5.58 2.80 -20.86
C ARG A 141 -5.32 4.26 -21.24
N ASP A 142 -5.94 5.16 -20.48
CA ASP A 142 -5.85 6.58 -20.66
C ASP A 142 -4.59 7.29 -20.24
N PHE A 143 -3.96 6.83 -19.17
CA PHE A 143 -2.75 7.48 -18.68
C PHE A 143 -1.38 6.88 -18.91
N GLY A 144 -1.35 5.65 -19.44
CA GLY A 144 -0.07 5.01 -19.71
C GLY A 144 0.68 4.40 -18.55
N VAL A 145 -0.04 3.99 -17.51
CA VAL A 145 0.62 3.37 -16.35
C VAL A 145 0.11 1.96 -16.19
N LYS A 146 1.02 0.99 -16.03
CA LYS A 146 0.61 -0.39 -15.85
C LYS A 146 0.16 -0.48 -14.39
N VAL A 147 -1.04 -1.01 -14.16
CA VAL A 147 -1.57 -1.12 -12.81
C VAL A 147 -2.15 -2.47 -12.40
N ARG A 148 -1.73 -2.92 -11.23
CA ARG A 148 -2.19 -4.18 -10.66
C ARG A 148 -2.62 -3.80 -9.25
N SER A 149 -3.47 -4.63 -8.64
CA SER A 149 -3.96 -4.36 -7.30
C SER A 149 -3.71 -5.51 -6.30
N ILE A 150 -3.82 -5.17 -5.02
CA ILE A 150 -3.63 -6.11 -3.90
C ILE A 150 -4.72 -5.88 -2.85
N LEU A 151 -5.46 -6.93 -2.51
CA LEU A 151 -6.51 -6.79 -1.51
C LEU A 151 -5.94 -7.06 -0.12
N CYS A 152 -6.29 -6.19 0.83
CA CYS A 152 -5.80 -6.32 2.19
C CYS A 152 -6.75 -7.05 3.14
N CYS A 153 -6.14 -7.76 4.07
CA CYS A 153 -6.85 -8.51 5.09
C CYS A 153 -6.58 -7.58 6.26
N MET A 154 -7.48 -7.54 7.24
CA MET A 154 -7.27 -6.65 8.38
C MET A 154 -6.92 -7.46 9.64
N ARG A 155 -5.79 -7.13 10.23
CA ARG A 155 -5.33 -7.80 11.43
C ARG A 155 -6.40 -7.97 12.51
N HIS A 156 -7.32 -7.01 12.64
CA HIS A 156 -8.36 -7.10 13.65
C HIS A 156 -9.63 -7.81 13.24
N GLN A 157 -9.70 -8.27 11.99
CA GLN A 157 -10.90 -8.98 11.50
C GLN A 157 -10.59 -10.21 10.70
N PRO A 158 -10.15 -11.28 11.35
CA PRO A 158 -9.85 -12.52 10.64
C PRO A 158 -11.04 -13.12 9.89
N SER A 159 -12.25 -12.75 10.29
CA SER A 159 -13.46 -13.27 9.65
C SER A 159 -13.61 -12.82 8.18
N TRP A 160 -12.77 -11.89 7.75
CA TRP A 160 -12.83 -11.41 6.38
C TRP A 160 -11.77 -12.04 5.48
N SER A 161 -10.68 -12.48 6.08
CA SER A 161 -9.59 -13.08 5.34
C SER A 161 -9.91 -14.12 4.26
N SER A 162 -10.87 -14.99 4.50
CA SER A 162 -11.20 -16.00 3.49
C SER A 162 -11.86 -15.37 2.28
N GLU A 163 -12.67 -14.36 2.51
CA GLU A 163 -13.36 -13.67 1.42
C GLU A 163 -12.26 -13.02 0.60
N VAL A 164 -11.32 -12.41 1.31
CA VAL A 164 -10.20 -11.73 0.66
C VAL A 164 -9.42 -12.65 -0.26
N VAL A 165 -9.04 -13.83 0.22
CA VAL A 165 -8.29 -14.71 -0.64
C VAL A 165 -9.15 -15.23 -1.82
N GLU A 166 -10.45 -15.41 -1.59
CA GLU A 166 -11.33 -15.89 -2.63
C GLU A 166 -11.55 -14.78 -3.63
N LEU A 167 -11.46 -13.55 -3.15
CA LEU A 167 -11.65 -12.40 -3.99
C LEU A 167 -10.41 -12.31 -4.91
N CYS A 168 -9.22 -12.50 -4.35
CA CYS A 168 -7.98 -12.46 -5.14
C CYS A 168 -8.01 -13.58 -6.18
N LYS A 169 -8.52 -14.74 -5.77
CA LYS A 169 -8.59 -15.87 -6.68
C LYS A 169 -9.59 -15.62 -7.82
N LYS A 170 -10.75 -15.07 -7.48
CA LYS A 170 -11.77 -14.80 -8.49
C LYS A 170 -11.47 -13.66 -9.43
N TYR A 171 -10.63 -12.73 -9.01
CA TYR A 171 -10.29 -11.57 -9.85
C TYR A 171 -8.83 -11.47 -10.26
N ARG A 172 -8.15 -12.60 -10.41
CA ARG A 172 -6.76 -12.52 -10.80
C ARG A 172 -6.54 -12.24 -12.27
N GLU A 173 -5.39 -11.63 -12.58
CA GLU A 173 -5.05 -11.28 -13.95
C GLU A 173 -5.80 -9.94 -14.10
N GLN A 174 -7.08 -9.97 -13.71
CA GLN A 174 -7.99 -8.83 -13.75
C GLN A 174 -7.55 -7.79 -12.71
N THR A 175 -6.27 -7.46 -12.74
CA THR A 175 -5.60 -6.50 -11.85
C THR A 175 -5.21 -7.03 -10.48
N VAL A 176 -6.01 -7.89 -9.86
CA VAL A 176 -5.65 -8.41 -8.52
C VAL A 176 -4.54 -9.44 -8.62
N VAL A 177 -3.38 -9.12 -8.07
CA VAL A 177 -2.26 -10.04 -8.13
C VAL A 177 -1.77 -10.60 -6.79
N ALA A 178 -2.26 -10.07 -5.67
CA ALA A 178 -1.80 -10.58 -4.39
C ALA A 178 -2.70 -10.25 -3.20
N ILE A 179 -2.33 -10.80 -2.05
CA ILE A 179 -3.05 -10.59 -0.80
C ILE A 179 -2.09 -9.89 0.17
N ASP A 180 -2.65 -9.12 1.10
CA ASP A 180 -1.87 -8.40 2.09
C ASP A 180 -2.56 -8.45 3.44
N LEU A 181 -1.82 -8.03 4.46
CA LEU A 181 -2.30 -7.99 5.82
C LEU A 181 -1.90 -6.60 6.35
N ALA A 182 -2.88 -5.79 6.71
CA ALA A 182 -2.59 -4.45 7.21
C ALA A 182 -3.32 -4.29 8.54
N GLY A 183 -3.12 -3.16 9.21
CA GLY A 183 -3.77 -2.95 10.50
C GLY A 183 -2.84 -2.98 11.71
N ASP A 184 -3.40 -2.73 12.88
CA ASP A 184 -2.62 -2.70 14.13
C ASP A 184 -1.70 -3.90 14.28
N GLU A 185 -0.40 -3.63 14.36
CA GLU A 185 0.58 -4.70 14.52
C GLU A 185 0.71 -5.12 15.98
N THR A 186 0.37 -4.22 16.88
CA THR A 186 0.46 -4.55 18.30
C THR A 186 -0.65 -5.49 18.81
N ILE A 187 -1.66 -5.77 17.98
CA ILE A 187 -2.73 -6.65 18.41
C ILE A 187 -2.11 -8.02 18.65
N GLU A 188 -1.94 -8.35 19.93
CA GLU A 188 -1.35 -9.60 20.37
C GLU A 188 -1.80 -10.86 19.65
N GLY A 189 -0.83 -11.53 19.01
CA GLY A 189 -1.06 -12.76 18.29
C GLY A 189 -1.74 -12.66 16.93
N SER A 190 -2.11 -11.45 16.53
CA SER A 190 -2.82 -11.25 15.28
C SER A 190 -2.24 -11.97 14.06
N SER A 191 -0.92 -12.06 13.98
CA SER A 191 -0.28 -12.73 12.85
C SER A 191 -0.71 -14.19 12.75
N LEU A 192 -0.98 -14.82 13.90
CA LEU A 192 -1.41 -16.20 13.93
C LEU A 192 -2.91 -16.46 14.05
N PHE A 193 -3.75 -15.44 13.88
CA PHE A 193 -5.18 -15.70 13.99
C PHE A 193 -5.51 -16.76 12.93
N PRO A 194 -6.16 -17.86 13.35
CA PRO A 194 -6.52 -18.96 12.44
C PRO A 194 -7.14 -18.48 11.12
N GLY A 195 -7.92 -17.40 11.18
CA GLY A 195 -8.56 -16.87 9.99
C GLY A 195 -7.55 -16.27 9.01
N HIS A 196 -6.46 -15.74 9.56
CA HIS A 196 -5.44 -15.14 8.71
C HIS A 196 -4.51 -16.20 8.12
N VAL A 197 -3.97 -17.06 8.97
CA VAL A 197 -3.07 -18.12 8.53
C VAL A 197 -3.68 -19.04 7.48
N GLN A 198 -4.96 -19.33 7.63
CA GLN A 198 -5.63 -20.21 6.68
C GLN A 198 -5.77 -19.53 5.33
N ALA A 199 -6.07 -18.23 5.35
CA ALA A 199 -6.23 -17.46 4.13
C ALA A 199 -4.91 -17.38 3.35
N TYR A 200 -3.78 -17.24 4.06
CA TYR A 200 -2.49 -17.16 3.39
C TYR A 200 -2.08 -18.54 2.93
N ALA A 201 -2.56 -19.54 3.66
CA ALA A 201 -2.25 -20.93 3.34
C ALA A 201 -2.97 -21.27 2.04
N GLU A 202 -4.17 -20.70 1.89
CA GLU A 202 -4.99 -20.91 0.71
C GLU A 202 -4.31 -20.14 -0.43
N ALA A 203 -3.80 -18.95 -0.11
CA ALA A 203 -3.13 -18.14 -1.10
C ALA A 203 -2.03 -19.00 -1.72
N VAL A 204 -1.33 -19.76 -0.89
CA VAL A 204 -0.25 -20.63 -1.36
C VAL A 204 -0.77 -21.78 -2.20
N LYS A 205 -1.87 -22.36 -1.76
CA LYS A 205 -2.47 -23.48 -2.48
C LYS A 205 -2.92 -23.02 -3.86
N SER A 206 -3.36 -21.76 -3.95
CA SER A 206 -3.84 -21.17 -5.19
C SER A 206 -2.88 -20.25 -5.96
N GLY A 207 -1.62 -20.20 -5.56
CA GLY A 207 -0.67 -19.34 -6.27
C GLY A 207 -1.02 -17.86 -6.30
N VAL A 208 -1.44 -17.33 -5.17
CA VAL A 208 -1.78 -15.92 -5.06
C VAL A 208 -0.62 -15.30 -4.29
N HIS A 209 0.10 -14.39 -4.94
CA HIS A 209 1.22 -13.75 -4.31
C HIS A 209 0.89 -13.16 -2.95
N ARG A 210 1.88 -13.21 -2.05
CA ARG A 210 1.71 -12.72 -0.70
C ARG A 210 2.67 -11.61 -0.21
N THR A 211 2.09 -10.64 0.48
CA THR A 211 2.83 -9.53 1.05
C THR A 211 2.15 -9.29 2.39
N VAL A 212 2.90 -8.72 3.33
CA VAL A 212 2.36 -8.45 4.66
C VAL A 212 3.00 -7.23 5.32
N HIS A 213 2.19 -6.44 6.02
CA HIS A 213 2.70 -5.24 6.71
C HIS A 213 3.27 -5.79 8.03
N ALA A 214 4.59 -5.81 8.19
CA ALA A 214 5.20 -6.30 9.41
C ALA A 214 6.55 -5.65 9.64
N GLY A 215 6.82 -5.27 10.88
CA GLY A 215 8.09 -4.63 11.19
C GLY A 215 8.02 -3.11 11.16
N GLU A 216 6.84 -2.57 10.89
CA GLU A 216 6.68 -1.12 10.87
C GLU A 216 6.71 -0.59 12.31
N VAL A 217 5.93 -1.24 13.18
CA VAL A 217 5.85 -0.86 14.59
C VAL A 217 6.09 -2.06 15.53
N GLY A 218 5.60 -3.23 15.13
CA GLY A 218 5.80 -4.41 15.95
C GLY A 218 7.26 -4.87 15.90
N SER A 219 7.61 -5.83 16.77
CA SER A 219 8.96 -6.35 16.85
C SER A 219 9.37 -7.25 15.69
N ALA A 220 10.63 -7.67 15.71
CA ALA A 220 11.17 -8.53 14.65
C ALA A 220 10.40 -9.85 14.61
N ASN A 221 9.79 -10.21 15.73
CA ASN A 221 9.04 -11.44 15.78
C ASN A 221 7.79 -11.37 14.93
N VAL A 222 7.23 -10.17 14.77
CA VAL A 222 6.04 -10.01 13.96
C VAL A 222 6.48 -10.31 12.54
N VAL A 223 7.71 -9.92 12.23
CA VAL A 223 8.28 -10.16 10.91
C VAL A 223 8.47 -11.67 10.74
N LYS A 224 9.06 -12.31 11.75
CA LYS A 224 9.30 -13.75 11.70
C LYS A 224 8.04 -14.55 11.40
N GLU A 225 6.97 -14.23 12.11
CA GLU A 225 5.70 -14.90 11.93
C GLU A 225 5.21 -14.71 10.49
N ALA A 226 5.41 -13.50 9.98
CA ALA A 226 5.00 -13.17 8.62
C ALA A 226 5.70 -14.07 7.62
N VAL A 227 7.02 -14.20 7.79
CA VAL A 227 7.87 -15.03 6.94
C VAL A 227 7.70 -16.53 7.07
N ASP A 228 7.75 -17.04 8.31
CA ASP A 228 7.61 -18.48 8.55
C ASP A 228 6.19 -19.04 8.58
N THR A 229 5.23 -18.30 9.13
CA THR A 229 3.88 -18.82 9.17
C THR A 229 3.00 -18.42 7.99
N LEU A 230 2.92 -17.12 7.70
CA LEU A 230 2.11 -16.66 6.59
C LEU A 230 2.83 -16.86 5.23
N LYS A 231 4.09 -17.29 5.27
CA LYS A 231 4.86 -17.51 4.06
C LYS A 231 4.84 -16.31 3.09
N THR A 232 4.92 -15.10 3.62
CA THR A 232 4.91 -13.90 2.80
C THR A 232 6.13 -13.88 1.90
N GLU A 233 6.03 -13.19 0.76
CA GLU A 233 7.15 -13.09 -0.19
C GLU A 233 7.76 -11.70 -0.13
N ARG A 234 6.99 -10.75 0.36
CA ARG A 234 7.45 -9.39 0.47
C ARG A 234 7.00 -8.86 1.81
N LEU A 235 7.74 -7.88 2.31
CA LEU A 235 7.43 -7.26 3.59
C LEU A 235 7.07 -5.78 3.45
N GLY A 236 5.93 -5.39 4.02
CA GLY A 236 5.54 -4.00 4.00
C GLY A 236 6.29 -3.35 5.17
N HIS A 237 7.26 -2.50 4.85
CA HIS A 237 8.06 -1.84 5.88
C HIS A 237 9.19 -2.73 6.41
N GLY A 238 8.85 -3.59 7.37
CA GLY A 238 9.82 -4.51 7.94
C GLY A 238 11.04 -3.89 8.58
N TYR A 239 10.91 -2.66 9.08
CA TYR A 239 12.03 -1.96 9.67
C TYR A 239 12.60 -2.67 10.91
N HIS A 240 11.73 -3.20 11.77
CA HIS A 240 12.20 -3.88 12.98
C HIS A 240 12.88 -5.23 12.75
N THR A 241 13.06 -5.62 11.49
CA THR A 241 13.71 -6.88 11.20
C THR A 241 15.15 -6.82 11.71
N LEU A 242 15.68 -5.61 11.72
CA LEU A 242 17.04 -5.36 12.18
C LEU A 242 17.32 -5.66 13.66
N GLU A 243 16.27 -5.86 14.45
CA GLU A 243 16.45 -6.15 15.87
C GLU A 243 16.76 -7.63 16.10
N ASP A 244 16.80 -8.40 15.02
CA ASP A 244 17.09 -9.84 15.08
C ASP A 244 18.03 -10.16 13.91
N THR A 245 19.33 -9.97 14.15
CA THR A 245 20.33 -10.22 13.13
C THR A 245 20.27 -11.54 12.34
N THR A 246 19.85 -12.62 12.98
CA THR A 246 19.78 -13.89 12.25
C THR A 246 18.57 -13.86 11.31
N LEU A 247 17.50 -13.21 11.75
CA LEU A 247 16.33 -13.13 10.89
C LEU A 247 16.75 -12.25 9.72
N TYR A 248 17.38 -11.13 10.05
CA TYR A 248 17.84 -10.19 9.04
C TYR A 248 18.84 -10.85 8.07
N ASN A 249 19.85 -11.51 8.61
CA ASN A 249 20.83 -12.15 7.75
C ASN A 249 20.18 -13.15 6.82
N ARG A 250 19.24 -13.93 7.35
CA ARG A 250 18.53 -14.92 6.57
C ARG A 250 17.73 -14.24 5.46
N LEU A 251 16.99 -13.20 5.83
CA LEU A 251 16.18 -12.47 4.85
C LEU A 251 17.05 -11.88 3.75
N ARG A 252 18.29 -11.50 4.09
CA ARG A 252 19.19 -10.94 3.10
C ARG A 252 19.62 -12.10 2.23
N GLN A 253 19.85 -13.22 2.89
CA GLN A 253 20.25 -14.44 2.24
C GLN A 253 19.23 -14.85 1.18
N GLU A 254 17.96 -14.81 1.54
CA GLU A 254 16.91 -15.18 0.63
C GLU A 254 16.42 -14.04 -0.28
N ASN A 255 17.18 -12.98 -0.35
CA ASN A 255 16.81 -11.85 -1.19
C ASN A 255 15.36 -11.36 -0.97
N MET A 256 14.91 -11.33 0.27
CA MET A 256 13.55 -10.87 0.63
C MET A 256 13.37 -9.40 0.23
N HIS A 257 12.15 -9.02 -0.16
CA HIS A 257 11.88 -7.63 -0.56
C HIS A 257 11.21 -6.78 0.51
N PHE A 258 11.77 -5.60 0.73
CA PHE A 258 11.24 -4.68 1.73
C PHE A 258 10.59 -3.47 1.06
N GLU A 259 9.29 -3.29 1.32
CA GLU A 259 8.53 -2.17 0.75
C GLU A 259 8.71 -1.02 1.72
N ILE A 260 9.70 -0.19 1.45
CA ILE A 260 10.01 0.96 2.30
C ILE A 260 9.25 2.27 2.04
N CYS A 261 8.78 2.88 3.11
CA CYS A 261 8.02 4.13 3.04
C CYS A 261 8.69 5.16 3.95
N PRO A 262 9.81 5.72 3.49
CA PRO A 262 10.63 6.72 4.20
C PRO A 262 9.84 7.81 4.90
N TRP A 263 9.24 8.68 4.08
CA TRP A 263 8.44 9.78 4.59
C TRP A 263 7.37 9.24 5.55
N SER A 264 6.67 8.20 5.12
CA SER A 264 5.64 7.59 5.95
C SER A 264 6.14 7.24 7.35
N SER A 265 7.27 6.55 7.40
CA SER A 265 7.87 6.13 8.67
C SER A 265 8.20 7.31 9.57
N TYR A 266 8.63 8.41 8.95
CA TYR A 266 8.99 9.60 9.73
C TYR A 266 7.76 10.27 10.37
N LEU A 267 6.68 10.39 9.60
CA LEU A 267 5.47 11.02 10.10
C LEU A 267 4.66 10.18 11.09
N THR A 268 4.66 8.87 10.89
CA THR A 268 3.91 8.01 11.79
C THR A 268 4.62 7.76 13.12
N GLY A 269 5.92 7.99 13.15
CA GLY A 269 6.67 7.75 14.36
C GLY A 269 7.33 6.39 14.27
N ALA A 270 6.98 5.61 13.25
CA ALA A 270 7.58 4.30 13.08
C ALA A 270 9.09 4.49 13.11
N TRP A 271 9.53 5.67 12.70
CA TRP A 271 10.95 6.02 12.69
C TRP A 271 11.22 7.30 13.46
N LYS A 272 12.17 7.23 14.38
CA LYS A 272 12.57 8.36 15.21
C LYS A 272 13.81 9.00 14.57
N PRO A 273 13.70 10.26 14.14
CA PRO A 273 14.81 10.99 13.50
C PRO A 273 16.16 11.01 14.24
N ASP A 274 16.23 10.37 15.40
CA ASP A 274 17.48 10.34 16.16
C ASP A 274 18.36 9.17 15.75
N THR A 275 17.73 8.14 15.19
CA THR A 275 18.46 6.97 14.74
C THR A 275 18.66 7.06 13.24
N GLU A 276 19.55 6.25 12.71
CA GLU A 276 19.80 6.27 11.28
C GLU A 276 18.64 5.49 10.64
N HIS A 277 17.90 6.12 9.72
CA HIS A 277 16.79 5.43 9.09
C HIS A 277 17.17 4.02 8.62
N ALA A 278 16.27 3.07 8.86
CA ALA A 278 16.47 1.69 8.48
C ALA A 278 16.88 1.50 7.00
N VAL A 279 16.34 2.35 6.10
CA VAL A 279 16.68 2.23 4.68
C VAL A 279 18.15 2.50 4.38
N ILE A 280 18.77 3.35 5.18
CA ILE A 280 20.20 3.68 4.96
C ILE A 280 21.06 2.43 5.10
N ARG A 281 20.70 1.55 6.03
CA ARG A 281 21.47 0.34 6.20
C ARG A 281 21.07 -0.67 5.14
N PHE A 282 19.83 -0.57 4.67
CA PHE A 282 19.39 -1.49 3.65
C PHE A 282 20.27 -1.21 2.45
N LYS A 283 20.52 0.08 2.22
CA LYS A 283 21.35 0.51 1.11
C LYS A 283 22.78 0.01 1.29
N ASN A 284 23.38 0.36 2.41
CA ASN A 284 24.75 -0.06 2.68
C ASN A 284 24.88 -1.59 2.61
N ASP A 285 23.79 -2.30 2.88
CA ASP A 285 23.81 -3.75 2.85
C ASP A 285 23.37 -4.35 1.51
N GLN A 286 23.14 -3.48 0.53
CA GLN A 286 22.72 -3.94 -0.78
C GLN A 286 21.49 -4.83 -0.67
N VAL A 287 20.51 -4.36 0.10
CA VAL A 287 19.27 -5.09 0.31
C VAL A 287 18.26 -4.91 -0.81
N ASN A 288 17.39 -5.90 -0.97
CA ASN A 288 16.37 -5.86 -2.00
C ASN A 288 15.21 -5.04 -1.38
N TYR A 289 15.01 -3.83 -1.88
CA TYR A 289 13.94 -2.96 -1.37
C TYR A 289 13.50 -1.91 -2.40
N SER A 290 12.39 -1.24 -2.08
CA SER A 290 11.85 -0.22 -2.95
C SER A 290 11.36 0.96 -2.13
N LEU A 291 11.13 2.09 -2.77
CA LEU A 291 10.65 3.28 -2.08
C LEU A 291 9.19 3.44 -2.44
N ASN A 292 8.37 3.73 -1.44
CA ASN A 292 6.93 3.90 -1.65
C ASN A 292 6.35 5.08 -0.86
N THR A 293 5.19 5.57 -1.31
CA THR A 293 4.53 6.69 -0.65
C THR A 293 3.60 6.25 0.48
N ASP A 294 2.96 5.10 0.30
CA ASP A 294 2.04 4.54 1.30
C ASP A 294 0.67 5.22 1.28
N ASP A 295 0.62 6.50 1.68
CA ASP A 295 -0.63 7.26 1.71
C ASP A 295 -0.37 8.74 1.40
N PRO A 296 -0.36 9.09 0.10
CA PRO A 296 -0.11 10.48 -0.30
C PRO A 296 -1.05 11.47 0.40
N LEU A 297 -2.30 11.05 0.55
CA LEU A 297 -3.34 11.85 1.18
C LEU A 297 -3.05 12.29 2.61
N ILE A 298 -2.76 11.31 3.48
CA ILE A 298 -2.47 11.58 4.88
C ILE A 298 -1.11 12.22 5.10
N PHE A 299 -0.12 11.82 4.31
CA PHE A 299 1.22 12.37 4.45
C PHE A 299 1.48 13.56 3.53
N LYS A 300 0.42 14.09 2.90
CA LYS A 300 0.53 15.23 2.01
C LYS A 300 1.80 15.09 1.17
N SER A 301 1.88 14.02 0.39
CA SER A 301 3.06 13.81 -0.43
C SER A 301 2.82 13.36 -1.87
N THR A 302 3.91 12.93 -2.49
CA THR A 302 3.94 12.44 -3.85
C THR A 302 5.18 11.58 -3.85
N LEU A 303 5.30 10.65 -4.79
CA LEU A 303 6.48 9.81 -4.82
C LEU A 303 7.78 10.60 -4.65
N ASP A 304 7.85 11.77 -5.29
CA ASP A 304 9.03 12.61 -5.20
C ASP A 304 9.40 12.94 -3.76
N THR A 305 8.38 13.19 -2.94
CA THR A 305 8.60 13.52 -1.54
C THR A 305 9.60 12.53 -0.93
N ASP A 306 9.35 11.24 -1.13
CA ASP A 306 10.25 10.21 -0.59
C ASP A 306 11.63 10.18 -1.22
N TYR A 307 11.71 10.41 -2.53
CA TYR A 307 13.00 10.42 -3.21
C TYR A 307 13.78 11.65 -2.77
N GLN A 308 13.07 12.74 -2.51
CA GLN A 308 13.72 13.97 -2.09
C GLN A 308 14.34 13.72 -0.70
N MET A 309 13.54 13.10 0.17
CA MET A 309 13.97 12.80 1.51
C MET A 309 15.25 11.97 1.60
N THR A 310 15.34 10.92 0.80
CA THR A 310 16.53 10.10 0.85
C THR A 310 17.72 10.73 0.13
N LYS A 311 17.44 11.52 -0.90
CA LYS A 311 18.52 12.17 -1.64
C LYS A 311 19.14 13.25 -0.74
N LYS A 312 18.32 14.21 -0.33
CA LYS A 312 18.75 15.30 0.51
C LYS A 312 19.31 14.89 1.88
N ASP A 313 18.50 14.18 2.67
CA ASP A 313 18.92 13.74 3.99
C ASP A 313 19.65 12.42 4.15
N MET A 314 19.81 11.64 3.08
CA MET A 314 20.49 10.36 3.23
C MET A 314 21.54 10.03 2.17
N GLY A 315 21.97 11.05 1.43
CA GLY A 315 22.98 10.89 0.41
C GLY A 315 22.72 9.90 -0.73
N PHE A 316 21.46 9.55 -0.94
CA PHE A 316 21.09 8.62 -1.99
C PHE A 316 21.49 9.09 -3.39
N THR A 317 22.26 8.28 -4.09
CA THR A 317 22.72 8.62 -5.43
C THR A 317 21.69 8.19 -6.48
N GLU A 318 22.01 8.42 -7.76
CA GLU A 318 21.10 8.04 -8.82
C GLU A 318 21.27 6.54 -9.04
N GLU A 319 22.50 6.08 -9.10
CA GLU A 319 22.78 4.67 -9.30
C GLU A 319 21.95 3.82 -8.32
N GLU A 320 21.78 4.35 -7.11
CA GLU A 320 21.01 3.66 -6.07
C GLU A 320 19.50 3.63 -6.42
N PHE A 321 18.98 4.79 -6.84
CA PHE A 321 17.58 4.92 -7.22
C PHE A 321 17.23 3.93 -8.34
N LYS A 322 18.11 3.84 -9.33
CA LYS A 322 17.89 2.93 -10.46
C LYS A 322 17.93 1.49 -9.98
N ARG A 323 18.87 1.21 -9.09
CA ARG A 323 19.02 -0.13 -8.55
C ARG A 323 17.77 -0.56 -7.78
N LEU A 324 17.35 0.26 -6.82
CA LEU A 324 16.18 -0.08 -6.01
C LEU A 324 14.91 -0.19 -6.84
N ASN A 325 14.86 0.51 -7.98
CA ASN A 325 13.69 0.44 -8.82
C ASN A 325 13.77 -0.80 -9.67
N ILE A 326 14.99 -1.25 -9.95
CA ILE A 326 15.17 -2.45 -10.74
C ILE A 326 14.70 -3.62 -9.87
N ASN A 327 15.06 -3.55 -8.58
CA ASN A 327 14.67 -4.59 -7.63
C ASN A 327 13.16 -4.60 -7.43
N ALA A 328 12.55 -3.42 -7.52
CA ALA A 328 11.11 -3.29 -7.35
C ALA A 328 10.43 -4.04 -8.49
N ALA A 329 10.97 -3.89 -9.69
CA ALA A 329 10.41 -4.57 -10.85
C ALA A 329 10.60 -6.08 -10.65
N LYS A 330 11.82 -6.47 -10.32
CA LYS A 330 12.14 -7.87 -10.10
C LYS A 330 11.26 -8.51 -9.02
N SER A 331 10.86 -7.70 -8.04
CA SER A 331 10.03 -8.22 -6.97
C SER A 331 8.53 -8.06 -7.21
N SER A 332 8.15 -7.47 -8.34
CA SER A 332 6.72 -7.27 -8.64
C SER A 332 5.94 -8.59 -8.64
N PHE A 333 4.62 -8.52 -8.56
CA PHE A 333 3.78 -9.71 -8.55
C PHE A 333 3.23 -9.97 -9.96
N LEU A 334 3.94 -9.46 -10.95
CA LEU A 334 3.61 -9.60 -12.36
C LEU A 334 4.06 -10.98 -12.84
N PRO A 335 3.36 -11.54 -13.84
CA PRO A 335 3.77 -12.86 -14.34
C PRO A 335 5.17 -12.70 -14.96
N GLU A 336 6.09 -13.61 -14.63
CA GLU A 336 7.47 -13.56 -15.17
C GLU A 336 7.42 -12.93 -16.55
N ASP A 337 6.55 -13.50 -17.35
CA ASP A 337 6.31 -13.09 -18.70
C ASP A 337 6.37 -11.56 -18.78
N GLU A 338 5.42 -10.92 -18.10
CA GLU A 338 5.32 -9.45 -18.06
C GLU A 338 6.34 -8.76 -17.18
N LYS A 339 6.99 -9.51 -16.31
CA LYS A 339 7.98 -8.93 -15.41
C LYS A 339 9.23 -8.61 -16.25
N LYS A 340 9.56 -9.51 -17.17
CA LYS A 340 10.71 -9.32 -18.02
C LYS A 340 10.50 -8.08 -18.89
N GLU A 341 9.28 -7.90 -19.37
CA GLU A 341 8.94 -6.75 -20.20
C GLU A 341 9.08 -5.44 -19.45
N LEU A 342 8.81 -5.45 -18.15
CA LEU A 342 8.92 -4.24 -17.34
C LEU A 342 10.40 -3.97 -17.14
N LEU A 343 11.15 -5.04 -16.92
CA LEU A 343 12.59 -4.92 -16.71
C LEU A 343 13.30 -4.32 -17.91
N ASP A 344 12.90 -4.72 -19.11
CA ASP A 344 13.54 -4.18 -20.31
C ASP A 344 13.23 -2.70 -20.44
N LEU A 345 12.01 -2.33 -20.08
CA LEU A 345 11.62 -0.93 -20.17
C LEU A 345 12.56 -0.09 -19.31
N LEU A 346 12.66 -0.46 -18.05
CA LEU A 346 13.52 0.24 -17.10
C LEU A 346 15.00 0.22 -17.48
N TYR A 347 15.49 -0.92 -17.94
CA TYR A 347 16.90 -1.03 -18.31
C TYR A 347 17.26 -0.07 -19.44
N LYS A 348 16.50 -0.14 -20.54
CA LYS A 348 16.73 0.71 -21.69
C LYS A 348 16.51 2.17 -21.35
N ALA A 349 15.78 2.44 -20.26
CA ALA A 349 15.50 3.80 -19.85
C ALA A 349 16.51 4.34 -18.84
N TYR A 350 17.07 3.45 -18.04
CA TYR A 350 18.06 3.81 -17.03
C TYR A 350 19.46 3.93 -17.61
N ARG A 351 19.73 3.15 -18.65
CA ARG A 351 21.03 3.16 -19.30
C ARG A 351 20.96 4.04 -20.54
#